data_4WTR
#
_entry.id   4WTR
#
_cell.length_a   46.764
_cell.length_b   52.842
_cell.length_c   99.836
_cell.angle_alpha   90.00
_cell.angle_beta   90.00
_cell.angle_gamma   90.00
#
_symmetry.space_group_name_H-M   'P 21 21 21'
#
loop_
_entity.id
_entity.type
_entity.pdbx_description
1 polymer beta-1,3-glucanosyltransferase
2 branched beta-D-glucopyranose-(1-3)-beta-D-glucopyranose
3 water water
#
_entity_poly.entity_id   1
_entity_poly.type   'polypeptide(L)'
_entity_poly.pdbx_seq_one_letter_code
;MGSSHHHHHHSSGLVPRGSHMASMTGGQQMGRGSQTFYGINYGVNENSCPTVDSMKNDFNVLKPYTNRVRTFALSVCNQA
SLALAATQALGMRIYLGMWIDRPDTFDNEMNALKNILANNDVSNVDGLIVGSEVLYRGDTDPQSLANYIKQVKELVAPHG
IKVATADVYYKFPEVVVKELDFLMMNAFPYWEGVTIDNAADTLMSHYDQVVGASLGKPVKISATGWPSAGGNFQSSVASV
ENENKYLHDVLCRVKQRNIDLLYFSAFDEPYRGGVEAHFGVLGSDRNTKPGITIEAGC
;
_entity_poly.pdbx_strand_id   A
#
# COMPACT_ATOMS: atom_id res chain seq x y z
N GLY A 33 13.31 14.90 8.16
CA GLY A 33 13.18 13.43 7.94
C GLY A 33 11.73 13.02 7.65
N SER A 34 10.82 14.01 7.72
CA SER A 34 9.40 13.78 7.43
C SER A 34 9.19 13.60 5.93
N GLN A 35 10.30 13.55 5.20
CA GLN A 35 10.32 13.34 3.75
C GLN A 35 10.89 11.96 3.42
N THR A 36 11.44 11.28 4.43
CA THR A 36 12.08 9.96 4.25
C THR A 36 11.17 8.97 3.50
N PHE A 37 9.94 8.81 3.98
CA PHE A 37 8.93 7.98 3.31
C PHE A 37 7.94 8.90 2.59
N TYR A 38 7.71 8.64 1.30
CA TYR A 38 6.61 9.30 0.59
C TYR A 38 5.27 8.97 1.27
N GLY A 39 5.10 7.68 1.63
CA GLY A 39 3.95 7.22 2.40
C GLY A 39 4.18 5.84 3.01
N ILE A 40 3.29 5.39 3.90
CA ILE A 40 3.44 4.10 4.58
C ILE A 40 2.13 3.30 4.68
N ASN A 41 2.19 2.00 4.35
CA ASN A 41 1.02 1.11 4.46
C ASN A 41 0.70 0.79 5.93
N TYR A 42 -0.59 0.87 6.27
CA TYR A 42 -1.03 0.72 7.65
C TYR A 42 -2.06 -0.41 7.79
N GLY A 43 -1.69 -1.44 8.55
CA GLY A 43 -2.54 -2.62 8.73
C GLY A 43 -3.58 -2.51 9.85
N VAL A 44 -4.68 -3.25 9.70
CA VAL A 44 -5.79 -3.23 10.65
C VAL A 44 -6.23 -4.66 11.02
N ASN A 45 -6.45 -4.91 12.32
CA ASN A 45 -6.94 -6.20 12.80
C ASN A 45 -8.47 -6.22 12.80
N GLU A 46 -9.04 -7.01 11.90
CA GLU A 46 -10.50 -7.09 11.74
C GLU A 46 -11.24 -7.67 12.96
N ASN A 47 -10.53 -8.48 13.75
CA ASN A 47 -11.11 -9.09 14.95
C ASN A 47 -10.87 -8.26 16.22
N SER A 48 -10.25 -7.09 16.05
CA SER A 48 -10.00 -6.15 17.15
C SER A 48 -9.86 -4.73 16.60
N CYS A 49 -10.99 -4.11 16.28
CA CYS A 49 -11.01 -2.81 15.60
C CYS A 49 -10.48 -1.65 16.45
N PRO A 50 -9.75 -0.71 15.83
CA PRO A 50 -9.27 0.48 16.53
C PRO A 50 -10.36 1.55 16.70
N THR A 51 -10.06 2.56 17.52
CA THR A 51 -10.89 3.75 17.64
C THR A 51 -10.19 4.92 16.96
N VAL A 52 -10.88 6.07 16.84
CA VAL A 52 -10.28 7.29 16.29
C VAL A 52 -9.02 7.70 17.06
N ASP A 53 -9.14 7.72 18.39
CA ASP A 53 -8.03 8.10 19.28
C ASP A 53 -6.85 7.13 19.16
N SER A 54 -7.16 5.84 19.03
CA SER A 54 -6.14 4.80 18.83
C SER A 54 -5.39 4.95 17.49
N MET A 55 -6.11 5.37 16.44
CA MET A 55 -5.49 5.66 15.16
C MET A 55 -4.63 6.92 15.23
N LYS A 56 -5.12 7.95 15.92
CA LYS A 56 -4.38 9.20 16.11
C LYS A 56 -3.04 8.95 16.79
N ASN A 57 -3.06 8.12 17.83
CA ASN A 57 -1.83 7.75 18.54
C ASN A 57 -0.84 7.01 17.63
N ASP A 58 -1.35 6.09 16.81
CA ASP A 58 -0.53 5.36 15.84
C ASP A 58 0.11 6.27 14.80
N PHE A 59 -0.69 7.16 14.21
CA PHE A 59 -0.19 8.03 13.13
C PHE A 59 0.80 9.05 13.67
N ASN A 60 0.63 9.39 14.95
CA ASN A 60 1.51 10.34 15.64
C ASN A 60 2.95 9.85 15.72
N VAL A 61 3.12 8.56 16.03
CA VAL A 61 4.44 7.92 16.10
C VAL A 61 5.17 7.99 14.76
N LEU A 62 4.41 7.93 13.67
CA LEU A 62 4.96 7.91 12.31
C LEU A 62 5.34 9.29 11.76
N LYS A 63 4.80 10.34 12.37
CA LYS A 63 4.95 11.72 11.85
C LYS A 63 6.39 12.24 11.65
N PRO A 64 7.35 11.84 12.51
CA PRO A 64 8.73 12.24 12.23
C PRO A 64 9.33 11.67 10.94
N TYR A 65 8.74 10.61 10.39
CA TYR A 65 9.30 9.93 9.21
C TYR A 65 8.46 10.05 7.93
N THR A 66 7.19 10.44 8.07
CA THR A 66 6.26 10.57 6.93
C THR A 66 5.07 11.49 7.23
N ASN A 67 4.38 11.93 6.18
CA ASN A 67 3.16 12.72 6.32
C ASN A 67 1.94 12.07 5.65
N ARG A 68 2.07 10.81 5.26
CA ARG A 68 1.06 10.11 4.44
C ARG A 68 0.91 8.61 4.78
N VAL A 69 -0.35 8.14 4.84
CA VAL A 69 -0.64 6.71 5.09
C VAL A 69 -1.61 6.11 4.07
N ARG A 70 -1.73 4.77 4.09
CA ARG A 70 -2.67 4.06 3.21
C ARG A 70 -3.43 2.96 3.98
N THR A 71 -4.75 2.93 3.82
CA THR A 71 -5.60 1.86 4.37
C THR A 71 -6.05 0.88 3.27
N PHE A 72 -6.41 -0.35 3.67
CA PHE A 72 -6.68 -1.43 2.71
C PHE A 72 -8.16 -1.71 2.40
N ALA A 73 -9.07 -1.26 3.26
CA ALA A 73 -10.51 -1.47 3.07
C ALA A 73 -11.34 -0.25 3.50
N LEU A 74 -12.56 -0.13 2.97
CA LEU A 74 -13.46 0.95 3.37
C LEU A 74 -14.38 0.55 4.53
N SER A 75 -15.13 -0.52 4.36
CA SER A 75 -16.15 -0.90 5.35
C SER A 75 -15.63 -1.63 6.58
N VAL A 76 -14.61 -2.47 6.41
CA VAL A 76 -14.06 -3.27 7.52
C VAL A 76 -13.61 -2.35 8.67
N CYS A 77 -14.13 -2.62 9.86
CA CYS A 77 -13.89 -1.81 11.07
C CYS A 77 -14.25 -0.32 10.91
N ASN A 78 -14.95 0.01 9.82
CA ASN A 78 -15.24 1.40 9.46
C ASN A 78 -13.93 2.22 9.38
N GLN A 79 -12.86 1.54 8.98
CA GLN A 79 -11.49 2.09 9.08
C GLN A 79 -11.25 3.35 8.24
N ALA A 80 -11.94 3.46 7.11
CA ALA A 80 -11.76 4.62 6.21
C ALA A 80 -12.30 5.91 6.83
N SER A 81 -13.47 5.83 7.45
CA SER A 81 -14.08 6.99 8.11
C SER A 81 -13.23 7.47 9.29
N LEU A 82 -12.74 6.53 10.08
CA LEU A 82 -11.91 6.83 11.24
C LEU A 82 -10.52 7.37 10.88
N ALA A 83 -9.95 6.86 9.79
CA ALA A 83 -8.61 7.30 9.33
C ALA A 83 -8.65 8.67 8.68
N LEU A 84 -9.78 9.03 8.07
CA LEU A 84 -9.96 10.38 7.54
C LEU A 84 -10.02 11.40 8.68
N ALA A 85 -10.72 11.05 9.76
CA ALA A 85 -10.80 11.91 10.95
C ALA A 85 -9.44 12.05 11.63
N ALA A 86 -8.72 10.94 11.77
CA ALA A 86 -7.39 10.93 12.39
C ALA A 86 -6.34 11.73 11.61
N THR A 87 -6.24 11.49 10.29
CA THR A 87 -5.28 12.19 9.44
C THR A 87 -5.56 13.69 9.36
N GLN A 88 -6.83 14.06 9.29
CA GLN A 88 -7.24 15.46 9.19
C GLN A 88 -6.93 16.26 10.47
N ALA A 89 -7.12 15.63 11.63
CA ALA A 89 -6.79 16.23 12.93
C ALA A 89 -5.28 16.43 13.12
N LEU A 90 -4.48 15.63 12.40
CA LEU A 90 -3.03 15.66 12.53
C LEU A 90 -2.31 16.34 11.36
N GLY A 91 -3.08 16.82 10.39
CA GLY A 91 -2.52 17.51 9.22
C GLY A 91 -1.85 16.62 8.19
N MET A 92 -2.25 15.34 8.15
CA MET A 92 -1.64 14.34 7.24
C MET A 92 -2.53 14.02 6.04
N ARG A 93 -1.97 13.29 5.07
CA ARG A 93 -2.69 12.90 3.84
C ARG A 93 -2.85 11.37 3.74
N ILE A 94 -3.70 10.91 2.80
CA ILE A 94 -4.09 9.49 2.73
C ILE A 94 -4.41 8.96 1.33
N TYR A 95 -4.06 7.69 1.08
CA TYR A 95 -4.60 6.89 -0.03
C TYR A 95 -5.66 5.94 0.54
N LEU A 96 -6.82 5.88 -0.13
CA LEU A 96 -7.91 5.01 0.33
C LEU A 96 -8.06 3.76 -0.56
N GLY A 97 -7.93 2.59 0.06
CA GLY A 97 -8.08 1.32 -0.66
C GLY A 97 -9.45 0.70 -0.51
N MET A 98 -9.92 0.06 -1.59
CA MET A 98 -11.16 -0.72 -1.60
C MET A 98 -10.80 -2.21 -1.62
N TRP A 99 -11.35 -2.99 -0.69
CA TRP A 99 -11.05 -4.44 -0.67
C TRP A 99 -12.12 -5.29 -1.29
N ILE A 100 -11.80 -5.83 -2.47
CA ILE A 100 -12.75 -6.62 -3.24
C ILE A 100 -12.20 -8.01 -3.63
N ASP A 101 -12.95 -9.06 -3.28
CA ASP A 101 -12.63 -10.43 -3.69
C ASP A 101 -13.89 -11.25 -3.97
N ARG A 102 -14.61 -11.61 -2.91
CA ARG A 102 -15.92 -12.28 -3.00
C ARG A 102 -16.94 -11.35 -3.66
N PRO A 103 -17.91 -11.91 -4.41
CA PRO A 103 -18.91 -11.12 -5.14
C PRO A 103 -19.62 -10.03 -4.32
N ASP A 104 -19.97 -10.35 -3.07
CA ASP A 104 -20.67 -9.41 -2.20
C ASP A 104 -19.85 -8.16 -1.84
N THR A 105 -18.52 -8.29 -1.87
CA THR A 105 -17.62 -7.18 -1.49
C THR A 105 -17.70 -5.99 -2.46
N PHE A 106 -18.08 -6.27 -3.71
CA PHE A 106 -18.27 -5.22 -4.72
C PHE A 106 -19.40 -4.26 -4.36
N ASP A 107 -20.52 -4.82 -3.88
CA ASP A 107 -21.66 -4.03 -3.43
C ASP A 107 -21.38 -3.30 -2.11
N ASN A 108 -20.85 -4.04 -1.13
CA ASN A 108 -20.55 -3.49 0.19
C ASN A 108 -19.60 -2.29 0.17
N GLU A 109 -18.49 -2.41 -0.55
CA GLU A 109 -17.50 -1.34 -0.65
C GLU A 109 -18.01 -0.11 -1.40
N MET A 110 -18.81 -0.31 -2.45
CA MET A 110 -19.41 0.79 -3.21
C MET A 110 -20.38 1.61 -2.33
N ASN A 111 -21.19 0.91 -1.53
CA ASN A 111 -22.12 1.55 -0.59
C ASN A 111 -21.38 2.33 0.50
N ALA A 112 -20.26 1.77 0.96
CA ALA A 112 -19.39 2.45 1.92
C ALA A 112 -18.76 3.71 1.33
N LEU A 113 -18.34 3.64 0.07
CA LEU A 113 -17.80 4.80 -0.64
C LEU A 113 -18.82 5.94 -0.73
N LYS A 114 -20.06 5.61 -1.04
CA LYS A 114 -21.15 6.58 -1.10
C LYS A 114 -21.36 7.28 0.24
N ASN A 115 -21.35 6.50 1.32
CA ASN A 115 -21.43 7.05 2.68
C ASN A 115 -20.27 8.00 3.02
N ILE A 116 -19.05 7.63 2.62
CA ILE A 116 -17.87 8.49 2.81
C ILE A 116 -18.01 9.85 2.13
N LEU A 117 -18.44 9.85 0.87
CA LEU A 117 -18.63 11.08 0.11
C LEU A 117 -19.69 12.01 0.73
N ALA A 118 -20.67 11.43 1.41
CA ALA A 118 -21.74 12.20 2.05
C ALA A 118 -21.39 12.66 3.47
N ASN A 119 -20.49 11.92 4.14
CA ASN A 119 -20.20 12.18 5.55
C ASN A 119 -18.78 12.67 5.89
N ASN A 120 -17.93 12.84 4.88
CA ASN A 120 -16.54 13.22 5.12
C ASN A 120 -15.98 14.28 4.17
N ASP A 121 -15.12 15.14 4.73
CA ASP A 121 -14.17 15.92 3.95
C ASP A 121 -13.21 14.91 3.29
N VAL A 122 -12.95 15.10 2.00
CA VAL A 122 -12.04 14.21 1.27
C VAL A 122 -10.93 14.99 0.54
N SER A 123 -10.68 16.23 0.97
CA SER A 123 -9.70 17.10 0.32
C SER A 123 -8.24 16.66 0.56
N ASN A 124 -8.04 15.74 1.51
CA ASN A 124 -6.71 15.21 1.77
C ASN A 124 -6.44 13.82 1.17
N VAL A 125 -7.30 13.41 0.22
CA VAL A 125 -7.19 12.10 -0.43
C VAL A 125 -6.37 12.22 -1.72
N ASP A 126 -5.25 11.50 -1.78
CA ASP A 126 -4.37 11.53 -2.95
C ASP A 126 -4.74 10.47 -4.00
N GLY A 127 -5.55 9.49 -3.60
CA GLY A 127 -6.01 8.47 -4.53
C GLY A 127 -6.96 7.43 -3.96
N LEU A 128 -7.64 6.74 -4.86
CA LEU A 128 -8.53 5.63 -4.53
C LEU A 128 -8.06 4.36 -5.22
N ILE A 129 -7.60 3.38 -4.44
CA ILE A 129 -7.06 2.13 -4.99
C ILE A 129 -8.15 1.06 -5.03
N VAL A 130 -8.67 0.82 -6.23
CA VAL A 130 -9.81 -0.07 -6.45
C VAL A 130 -9.32 -1.52 -6.58
N GLY A 131 -9.29 -2.22 -5.46
CA GLY A 131 -8.82 -3.60 -5.43
C GLY A 131 -7.30 -3.72 -5.33
N SER A 132 -6.85 -4.81 -4.74
CA SER A 132 -5.43 -5.11 -4.61
C SER A 132 -5.19 -6.60 -4.91
N GLU A 133 -4.44 -6.86 -5.97
CA GLU A 133 -4.15 -8.22 -6.46
C GLU A 133 -5.39 -9.06 -6.82
N VAL A 134 -6.43 -8.39 -7.32
CA VAL A 134 -7.66 -9.04 -7.78
C VAL A 134 -7.42 -10.03 -8.93
N LEU A 135 -6.57 -9.66 -9.88
CA LEU A 135 -6.29 -10.53 -11.03
C LEU A 135 -5.29 -11.64 -10.70
N TYR A 136 -4.30 -11.33 -9.85
CA TYR A 136 -3.36 -12.32 -9.33
C TYR A 136 -4.06 -13.50 -8.65
N ARG A 137 -5.11 -13.19 -7.87
CA ARG A 137 -5.87 -14.22 -7.15
C ARG A 137 -6.93 -14.91 -8.01
N GLY A 138 -7.32 -14.27 -9.12
CA GLY A 138 -8.37 -14.79 -9.99
C GLY A 138 -9.78 -14.62 -9.44
N ASP A 139 -10.00 -13.56 -8.66
CA ASP A 139 -11.32 -13.29 -8.06
C ASP A 139 -12.39 -12.97 -9.10
N THR A 140 -11.98 -12.35 -10.19
CA THR A 140 -12.88 -12.04 -11.30
C THR A 140 -12.11 -11.87 -12.62
N ASP A 141 -12.85 -11.74 -13.72
CA ASP A 141 -12.24 -11.60 -15.05
C ASP A 141 -11.87 -10.14 -15.35
N PRO A 142 -10.91 -9.92 -16.29
CA PRO A 142 -10.46 -8.57 -16.66
C PRO A 142 -11.57 -7.59 -17.06
N GLN A 143 -12.53 -8.02 -17.88
CA GLN A 143 -13.62 -7.13 -18.31
C GLN A 143 -14.49 -6.66 -17.14
N SER A 144 -14.84 -7.59 -16.25
CA SER A 144 -15.65 -7.28 -15.05
C SER A 144 -14.99 -6.24 -14.14
N LEU A 145 -13.68 -6.36 -13.93
CA LEU A 145 -12.92 -5.40 -13.12
C LEU A 145 -12.89 -4.02 -13.78
N ALA A 146 -12.76 -4.01 -15.11
CA ALA A 146 -12.75 -2.77 -15.87
C ALA A 146 -14.06 -1.99 -15.72
N ASN A 147 -15.18 -2.73 -15.72
CA ASN A 147 -16.52 -2.15 -15.56
C ASN A 147 -16.75 -1.54 -14.17
N TYR A 148 -16.26 -2.23 -13.14
CA TYR A 148 -16.42 -1.77 -11.75
C TYR A 148 -15.59 -0.51 -11.53
N ILE A 149 -14.36 -0.52 -12.00
CA ILE A 149 -13.49 0.66 -12.00
C ILE A 149 -14.14 1.85 -12.71
N LYS A 150 -14.75 1.60 -13.87
CA LYS A 150 -15.43 2.65 -14.63
C LYS A 150 -16.54 3.32 -13.81
N GLN A 151 -17.33 2.49 -13.10
CA GLN A 151 -18.39 3.00 -12.24
C GLN A 151 -17.85 3.82 -11.05
N VAL A 152 -16.75 3.35 -10.46
CA VAL A 152 -16.11 4.05 -9.35
C VAL A 152 -15.63 5.45 -9.79
N LYS A 153 -14.97 5.49 -10.94
CA LYS A 153 -14.48 6.74 -11.53
C LYS A 153 -15.58 7.79 -11.72
N GLU A 154 -16.73 7.35 -12.23
CA GLU A 154 -17.87 8.27 -12.49
C GLU A 154 -18.39 8.93 -11.20
N LEU A 155 -18.24 8.24 -10.08
CA LEU A 155 -18.72 8.72 -8.79
C LEU A 155 -17.76 9.72 -8.13
N VAL A 156 -16.46 9.47 -8.23
CA VAL A 156 -15.47 10.27 -7.49
C VAL A 156 -14.78 11.38 -8.29
N ALA A 157 -14.79 11.29 -9.62
CA ALA A 157 -14.13 12.32 -10.47
C ALA A 157 -14.67 13.75 -10.22
N PRO A 158 -16.00 13.93 -10.12
CA PRO A 158 -16.50 15.27 -9.77
C PRO A 158 -16.10 15.75 -8.38
N HIS A 159 -15.66 14.83 -7.52
CA HIS A 159 -15.10 15.18 -6.20
C HIS A 159 -13.61 15.41 -6.28
N GLY A 160 -13.03 15.20 -7.46
CA GLY A 160 -11.62 15.50 -7.73
C GLY A 160 -10.62 14.43 -7.31
N ILE A 161 -11.08 13.19 -7.19
CA ILE A 161 -10.25 12.06 -6.75
C ILE A 161 -9.80 11.18 -7.92
N LYS A 162 -8.50 10.95 -8.03
CA LYS A 162 -7.92 10.09 -9.07
C LYS A 162 -8.02 8.60 -8.70
N VAL A 163 -8.15 7.73 -9.70
CA VAL A 163 -8.33 6.28 -9.46
C VAL A 163 -7.23 5.36 -10.03
N ALA A 164 -6.93 4.30 -9.29
CA ALA A 164 -5.93 3.30 -9.69
C ALA A 164 -6.42 1.90 -9.31
N THR A 165 -5.65 0.88 -9.68
CA THR A 165 -5.73 -0.45 -9.08
C THR A 165 -4.31 -0.95 -8.80
N ALA A 166 -4.17 -1.90 -7.87
CA ALA A 166 -2.86 -2.45 -7.52
C ALA A 166 -2.78 -3.95 -7.79
N ASP A 167 -1.67 -4.38 -8.38
CA ASP A 167 -1.46 -5.79 -8.75
C ASP A 167 0.01 -6.06 -9.07
N VAL A 168 0.34 -7.34 -9.32
CA VAL A 168 1.70 -7.76 -9.67
C VAL A 168 2.10 -7.31 -11.08
N TYR A 169 3.39 -7.36 -11.40
CA TYR A 169 3.94 -6.72 -12.61
C TYR A 169 3.44 -7.29 -13.94
N TYR A 170 3.01 -8.54 -13.93
CA TYR A 170 2.53 -9.21 -15.15
C TYR A 170 1.00 -9.26 -15.25
N LYS A 171 0.31 -8.44 -14.46
CA LYS A 171 -1.17 -8.44 -14.46
C LYS A 171 -1.78 -7.06 -14.72
N PHE A 172 -1.37 -6.41 -15.81
CA PHE A 172 -1.97 -5.14 -16.23
C PHE A 172 -2.46 -5.18 -17.69
N PRO A 173 -3.57 -5.91 -17.95
CA PRO A 173 -4.08 -6.00 -19.31
C PRO A 173 -4.69 -4.68 -19.77
N GLU A 174 -4.59 -4.40 -21.07
CA GLU A 174 -4.98 -3.11 -21.66
C GLU A 174 -6.41 -2.67 -21.33
N VAL A 175 -7.33 -3.62 -21.32
CA VAL A 175 -8.75 -3.34 -21.02
C VAL A 175 -8.93 -2.71 -19.62
N VAL A 176 -8.08 -3.09 -18.67
CA VAL A 176 -8.12 -2.48 -17.33
C VAL A 176 -7.43 -1.11 -17.33
N VAL A 177 -6.22 -1.05 -17.90
CA VAL A 177 -5.40 0.17 -17.92
C VAL A 177 -6.11 1.36 -18.58
N LYS A 178 -6.96 1.09 -19.57
CA LYS A 178 -7.73 2.13 -20.25
C LYS A 178 -8.65 2.93 -19.32
N GLU A 179 -9.06 2.32 -18.21
CA GLU A 179 -9.99 2.95 -17.27
C GLU A 179 -9.30 3.71 -16.13
N LEU A 180 -7.99 3.55 -15.99
CA LEU A 180 -7.24 4.09 -14.85
C LEU A 180 -6.75 5.52 -15.06
N ASP A 181 -6.54 6.23 -13.96
CA ASP A 181 -5.79 7.49 -13.99
C ASP A 181 -4.29 7.19 -13.85
N PHE A 182 -3.97 6.21 -13.02
CA PHE A 182 -2.57 5.76 -12.82
C PHE A 182 -2.46 4.30 -12.35
N LEU A 183 -1.25 3.74 -12.43
CA LEU A 183 -1.01 2.33 -12.08
C LEU A 183 -0.23 2.22 -10.77
N MET A 184 -0.44 1.13 -10.02
CA MET A 184 0.34 0.85 -8.81
C MET A 184 0.82 -0.60 -8.75
N MET A 185 2.13 -0.78 -8.52
CA MET A 185 2.75 -2.11 -8.50
C MET A 185 2.95 -2.66 -7.09
N ASN A 186 2.49 -3.90 -6.86
CA ASN A 186 2.91 -4.71 -5.71
C ASN A 186 3.98 -5.67 -6.18
N ALA A 187 5.17 -5.64 -5.55
CA ALA A 187 6.27 -6.56 -5.89
C ALA A 187 7.17 -6.86 -4.69
N PHE A 188 7.33 -8.16 -4.39
CA PHE A 188 8.13 -8.63 -3.27
C PHE A 188 9.17 -9.65 -3.74
N PRO A 189 10.40 -9.21 -4.05
CA PRO A 189 11.50 -10.12 -4.40
C PRO A 189 11.78 -11.22 -3.36
N TYR A 190 11.39 -11.00 -2.10
CA TYR A 190 11.47 -12.04 -1.07
C TYR A 190 10.62 -13.28 -1.42
N TRP A 191 9.38 -13.06 -1.85
CA TRP A 191 8.50 -14.17 -2.25
C TRP A 191 8.91 -14.80 -3.57
N GLU A 192 9.92 -14.19 -4.22
CA GLU A 192 10.48 -14.69 -5.47
C GLU A 192 11.76 -15.51 -5.27
N GLY A 193 12.25 -15.58 -4.03
CA GLY A 193 13.50 -16.29 -3.73
C GLY A 193 14.75 -15.58 -4.21
N VAL A 194 14.67 -14.25 -4.33
CA VAL A 194 15.81 -13.44 -4.77
C VAL A 194 16.68 -13.06 -3.56
N THR A 195 18.00 -13.20 -3.74
CA THR A 195 18.98 -12.91 -2.68
C THR A 195 19.01 -11.41 -2.35
N ILE A 196 19.34 -11.08 -1.10
CA ILE A 196 19.24 -9.68 -0.61
C ILE A 196 20.11 -8.68 -1.39
N ASP A 197 21.27 -9.11 -1.85
CA ASP A 197 22.15 -8.26 -2.66
C ASP A 197 21.53 -7.86 -4.01
N ASN A 198 20.70 -8.74 -4.58
CA ASN A 198 20.05 -8.49 -5.88
C ASN A 198 18.61 -7.95 -5.78
N ALA A 199 18.09 -7.75 -4.57
CA ALA A 199 16.65 -7.54 -4.36
C ALA A 199 16.09 -6.21 -4.92
N ALA A 200 16.70 -5.08 -4.56
CA ALA A 200 16.28 -3.77 -5.06
C ALA A 200 16.47 -3.61 -6.58
N ASP A 201 17.53 -4.24 -7.10
CA ASP A 201 17.79 -4.26 -8.53
C ASP A 201 16.65 -4.95 -9.28
N THR A 202 16.13 -6.04 -8.68
CA THR A 202 15.00 -6.78 -9.24
C THR A 202 13.69 -5.99 -9.19
N LEU A 203 13.47 -5.28 -8.08
CA LEU A 203 12.29 -4.41 -7.93
C LEU A 203 12.20 -3.43 -9.10
N MET A 204 13.31 -2.73 -9.37
CA MET A 204 13.38 -1.73 -10.44
C MET A 204 13.11 -2.34 -11.82
N SER A 205 13.63 -3.54 -12.04
CA SER A 205 13.38 -4.30 -13.26
C SER A 205 11.89 -4.57 -13.49
N HIS A 206 11.20 -5.03 -12.44
CA HIS A 206 9.74 -5.25 -12.48
C HIS A 206 8.97 -3.98 -12.75
N TYR A 207 9.47 -2.85 -12.23
CA TYR A 207 8.88 -1.53 -12.46
C TYR A 207 8.89 -1.16 -13.95
N ASP A 208 10.01 -1.42 -14.62
CA ASP A 208 10.16 -1.15 -16.05
C ASP A 208 9.15 -1.92 -16.90
N GLN A 209 8.75 -3.11 -16.43
CA GLN A 209 7.77 -3.94 -17.13
C GLN A 209 6.35 -3.34 -17.00
N VAL A 210 6.04 -2.78 -15.84
CA VAL A 210 4.75 -2.10 -15.63
C VAL A 210 4.65 -0.85 -16.51
N VAL A 211 5.77 -0.13 -16.65
CA VAL A 211 5.83 1.04 -17.56
C VAL A 211 5.52 0.61 -19.00
N GLY A 212 6.01 -0.56 -19.39
CA GLY A 212 5.74 -1.14 -20.71
C GLY A 212 4.26 -1.40 -20.97
N ALA A 213 3.49 -1.59 -19.90
CA ALA A 213 2.05 -1.85 -20.01
C ALA A 213 1.19 -0.64 -19.63
N SER A 214 1.84 0.52 -19.43
CA SER A 214 1.20 1.68 -18.81
C SER A 214 0.31 2.54 -19.70
N LEU A 215 0.45 2.37 -21.02
CA LEU A 215 -0.17 3.27 -22.01
C LEU A 215 0.29 4.72 -21.86
N GLY A 216 1.44 4.92 -21.23
CA GLY A 216 1.99 6.26 -20.99
C GLY A 216 1.49 6.95 -19.73
N LYS A 217 0.60 6.27 -19.00
CA LYS A 217 0.07 6.78 -17.73
C LYS A 217 1.10 6.65 -16.59
N PRO A 218 0.99 7.50 -15.54
CA PRO A 218 1.95 7.44 -14.43
C PRO A 218 1.94 6.09 -13.69
N VAL A 219 3.11 5.67 -13.23
CA VAL A 219 3.27 4.40 -12.50
C VAL A 219 3.85 4.68 -11.11
N LYS A 220 3.17 4.21 -10.07
CA LYS A 220 3.64 4.30 -8.68
C LYS A 220 3.86 2.90 -8.11
N ILE A 221 4.43 2.82 -6.91
CA ILE A 221 4.57 1.53 -6.22
C ILE A 221 3.74 1.50 -4.93
N SER A 222 2.73 0.64 -4.91
CA SER A 222 1.81 0.53 -3.77
C SER A 222 2.33 -0.31 -2.60
N ALA A 223 3.24 -1.25 -2.87
CA ALA A 223 3.78 -2.11 -1.81
C ALA A 223 5.07 -2.86 -2.17
N THR A 224 6.06 -2.72 -1.28
CA THR A 224 7.24 -3.59 -1.25
C THR A 224 7.82 -3.54 0.17
N GLY A 225 8.49 -4.62 0.58
CA GLY A 225 9.08 -4.71 1.92
C GLY A 225 9.86 -5.99 2.13
N TRP A 226 10.39 -6.16 3.34
CA TRP A 226 11.26 -7.30 3.67
C TRP A 226 11.13 -7.67 5.13
N PRO A 227 10.91 -8.97 5.43
CA PRO A 227 10.67 -9.43 6.82
C PRO A 227 11.93 -9.56 7.67
N SER A 228 11.80 -9.31 8.98
CA SER A 228 12.95 -9.34 9.91
C SER A 228 13.16 -10.68 10.64
N ALA A 229 12.16 -11.57 10.58
CA ALA A 229 12.22 -12.86 11.25
C ALA A 229 11.23 -13.84 10.63
N GLY A 230 11.42 -15.13 10.88
CA GLY A 230 10.50 -16.16 10.41
C GLY A 230 11.08 -17.16 9.42
N GLY A 231 12.42 -17.22 9.35
CA GLY A 231 13.10 -18.23 8.53
C GLY A 231 13.69 -17.71 7.22
N ASN A 232 13.26 -18.35 6.11
CA ASN A 232 13.75 -18.01 4.77
C ASN A 232 12.77 -18.46 3.67
N PHE A 233 12.99 -17.97 2.45
CA PHE A 233 12.26 -18.44 1.28
C PHE A 233 13.29 -18.72 0.18
N GLN A 234 13.68 -19.99 0.05
CA GLN A 234 14.86 -20.38 -0.75
C GLN A 234 16.06 -19.52 -0.33
N SER A 235 16.71 -18.83 -1.27
CA SER A 235 17.86 -17.98 -0.95
C SER A 235 17.54 -16.66 -0.23
N SER A 236 16.25 -16.30 -0.12
CA SER A 236 15.83 -15.08 0.58
C SER A 236 15.82 -15.26 2.10
N VAL A 237 16.74 -14.59 2.79
CA VAL A 237 16.92 -14.76 4.24
C VAL A 237 16.25 -13.64 5.06
N ALA A 238 15.41 -14.04 6.02
CA ALA A 238 14.73 -13.10 6.91
C ALA A 238 15.60 -12.77 8.14
N SER A 239 15.98 -11.50 8.26
CA SER A 239 16.76 -11.01 9.41
C SER A 239 16.58 -9.50 9.56
N VAL A 240 16.93 -8.98 10.74
CA VAL A 240 16.88 -7.53 11.02
C VAL A 240 17.86 -6.78 10.12
N GLU A 241 19.06 -7.34 9.96
CA GLU A 241 20.10 -6.77 9.12
C GLU A 241 19.66 -6.66 7.65
N ASN A 242 18.97 -7.69 7.15
CA ASN A 242 18.46 -7.68 5.78
C ASN A 242 17.30 -6.71 5.54
N GLU A 243 16.35 -6.62 6.48
CA GLU A 243 15.27 -5.62 6.35
C GLU A 243 15.85 -4.21 6.32
N ASN A 244 16.84 -3.97 7.19
CA ASN A 244 17.55 -2.70 7.26
C ASN A 244 18.18 -2.33 5.90
N LYS A 245 18.89 -3.29 5.31
CA LYS A 245 19.52 -3.10 4.00
C LYS A 245 18.48 -2.84 2.90
N TYR A 246 17.44 -3.67 2.85
CA TYR A 246 16.40 -3.54 1.81
C TYR A 246 15.72 -2.18 1.84
N LEU A 247 15.40 -1.71 3.05
CA LEU A 247 14.83 -0.38 3.25
C LEU A 247 15.74 0.72 2.69
N HIS A 248 17.04 0.66 3.00
CA HIS A 248 17.98 1.67 2.53
C HIS A 248 18.11 1.69 1.02
N ASP A 249 18.20 0.50 0.41
CA ASP A 249 18.36 0.35 -1.03
C ASP A 249 17.16 0.85 -1.86
N VAL A 250 15.94 0.49 -1.44
N VAL A 250 15.95 0.50 -1.42
CA VAL A 250 14.73 0.87 -2.18
CA VAL A 250 14.73 0.86 -2.15
C VAL A 250 14.41 2.37 -2.08
C VAL A 250 14.46 2.36 -2.09
N LEU A 251 14.66 2.96 -0.92
CA LEU A 251 14.48 4.42 -0.74
C LEU A 251 15.44 5.22 -1.63
N CYS A 252 16.67 4.74 -1.78
CA CYS A 252 17.64 5.37 -2.70
C CYS A 252 17.22 5.25 -4.16
N ARG A 253 16.85 4.04 -4.58
CA ARG A 253 16.51 3.76 -5.98
C ARG A 253 15.29 4.54 -6.47
N VAL A 254 14.28 4.70 -5.62
CA VAL A 254 13.07 5.45 -6.03
C VAL A 254 13.33 6.97 -6.06
N LYS A 255 14.28 7.44 -5.25
CA LYS A 255 14.65 8.85 -5.21
C LYS A 255 15.44 9.26 -6.47
N GLN A 256 16.26 8.36 -6.97
CA GLN A 256 17.05 8.60 -8.18
C GLN A 256 16.19 8.78 -9.43
N ARG A 257 15.02 8.15 -9.44
CA ARG A 257 14.14 8.13 -10.61
C ARG A 257 12.81 8.88 -10.39
N ASN A 258 12.68 9.52 -9.24
CA ASN A 258 11.47 10.27 -8.88
C ASN A 258 10.19 9.43 -8.92
N ILE A 259 10.26 8.23 -8.32
CA ILE A 259 9.12 7.32 -8.25
C ILE A 259 8.47 7.40 -6.86
N ASP A 260 7.15 7.55 -6.82
CA ASP A 260 6.39 7.57 -5.55
C ASP A 260 6.21 6.15 -5.00
N LEU A 261 6.52 5.98 -3.72
CA LEU A 261 6.53 4.65 -3.07
C LEU A 261 5.80 4.64 -1.73
N LEU A 262 4.92 3.66 -1.55
CA LEU A 262 4.32 3.34 -0.24
C LEU A 262 4.97 2.09 0.34
N TYR A 263 5.75 2.25 1.42
CA TYR A 263 6.49 1.13 2.02
C TYR A 263 5.60 0.19 2.86
N PHE A 264 5.95 -1.10 2.85
CA PHE A 264 5.18 -2.16 3.55
C PHE A 264 6.03 -2.78 4.67
N SER A 265 5.70 -2.55 5.95
CA SER A 265 4.55 -1.76 6.43
C SER A 265 4.92 -0.96 7.69
N ALA A 266 3.93 -0.32 8.31
CA ALA A 266 4.14 0.53 9.49
C ALA A 266 4.60 -0.24 10.73
N PHE A 267 3.76 -1.17 11.20
CA PHE A 267 4.01 -1.93 12.42
C PHE A 267 3.89 -3.44 12.19
N ASP A 268 4.70 -4.22 12.91
CA ASP A 268 4.55 -5.69 12.93
C ASP A 268 3.11 -6.08 13.31
N GLU A 269 2.60 -7.13 12.66
CA GLU A 269 1.24 -7.61 12.89
C GLU A 269 1.26 -9.09 13.29
N PRO A 270 1.30 -9.37 14.61
CA PRO A 270 1.43 -10.75 15.13
C PRO A 270 0.32 -11.70 14.68
N TYR A 271 -0.90 -11.17 14.58
CA TYR A 271 -2.09 -11.95 14.23
C TYR A 271 -2.08 -12.54 12.80
N ARG A 272 -0.99 -12.30 12.06
CA ARG A 272 -0.81 -12.88 10.73
C ARG A 272 -0.02 -14.18 10.80
N GLY A 273 0.81 -14.32 11.84
CA GLY A 273 1.62 -15.53 12.05
C GLY A 273 2.83 -15.64 11.14
N GLY A 274 3.87 -16.30 11.64
CA GLY A 274 5.09 -16.56 10.88
C GLY A 274 5.75 -15.33 10.28
N VAL A 275 6.26 -15.48 9.06
CA VAL A 275 6.98 -14.43 8.32
C VAL A 275 6.14 -13.15 8.11
N GLU A 276 4.84 -13.32 7.89
CA GLU A 276 3.92 -12.20 7.66
C GLU A 276 3.75 -11.31 8.89
N ALA A 277 4.27 -11.77 10.04
CA ALA A 277 4.18 -11.02 11.29
C ALA A 277 5.38 -10.10 11.56
N HIS A 278 6.28 -9.97 10.58
CA HIS A 278 7.54 -9.25 10.78
C HIS A 278 7.91 -8.26 9.70
N PHE A 279 6.92 -7.65 9.06
CA PHE A 279 7.16 -6.68 7.97
C PHE A 279 7.23 -5.21 8.41
N GLY A 280 6.87 -4.93 9.66
CA GLY A 280 6.84 -3.55 10.15
C GLY A 280 8.19 -2.84 10.19
N VAL A 281 8.16 -1.52 10.02
CA VAL A 281 9.33 -0.68 10.25
C VAL A 281 9.50 -0.48 11.76
N LEU A 282 8.38 -0.40 12.46
CA LEU A 282 8.35 -0.36 13.93
C LEU A 282 7.66 -1.61 14.50
N GLY A 283 7.83 -1.85 15.79
CA GLY A 283 7.29 -3.04 16.45
C GLY A 283 5.79 -3.01 16.69
N SER A 284 5.23 -4.16 17.09
CA SER A 284 3.78 -4.28 17.30
C SER A 284 3.23 -3.44 18.45
N ASP A 285 4.06 -3.15 19.46
CA ASP A 285 3.65 -2.27 20.56
C ASP A 285 4.02 -0.80 20.34
N ARG A 286 4.36 -0.46 19.10
CA ARG A 286 4.62 0.92 18.66
C ARG A 286 5.99 1.48 19.06
N ASN A 287 6.81 0.64 19.70
CA ASN A 287 8.23 0.95 19.94
C ASN A 287 9.07 0.67 18.69
N THR A 288 10.25 1.30 18.62
CA THR A 288 11.17 1.08 17.49
C THR A 288 11.79 -0.32 17.52
N LYS A 289 12.17 -0.81 16.36
CA LYS A 289 12.82 -2.12 16.22
C LYS A 289 14.34 -1.98 16.31
N PRO A 290 14.96 -2.68 17.28
CA PRO A 290 16.42 -2.65 17.46
C PRO A 290 17.14 -3.17 16.21
N GLY A 291 18.01 -2.34 15.64
CA GLY A 291 18.73 -2.71 14.42
C GLY A 291 18.25 -2.00 13.16
N ILE A 292 17.05 -1.43 13.21
CA ILE A 292 16.49 -0.68 12.09
C ILE A 292 16.83 0.81 12.21
N THR A 293 17.48 1.35 11.18
CA THR A 293 17.73 2.79 11.09
C THR A 293 16.97 3.38 9.91
N ILE A 294 16.08 4.31 10.20
CA ILE A 294 15.20 4.90 9.17
C ILE A 294 15.89 6.04 8.42
N GLU A 295 16.37 5.72 7.22
CA GLU A 295 17.14 6.64 6.38
C GLU A 295 17.28 6.05 4.98
N ALA A 296 17.47 6.91 3.98
CA ALA A 296 17.70 6.45 2.60
C ALA A 296 19.18 6.14 2.36
N GLY A 297 19.45 5.22 1.43
CA GLY A 297 20.83 4.82 1.09
C GLY A 297 21.59 5.78 0.18
N CYS A 298 20.91 6.81 -0.32
CA CYS A 298 21.54 7.88 -1.11
C CYS A 298 20.71 9.16 -1.07
#